data_4IIL
#
_entry.id   4IIL
#
_cell.length_a   75.955
_cell.length_b   107.790
_cell.length_c   72.881
_cell.angle_alpha   90.000
_cell.angle_beta   90.000
_cell.angle_gamma   90.000
#
_symmetry.space_group_name_H-M   'C 2 2 21'
#
loop_
_entity.id
_entity.type
_entity.pdbx_description
1 polymer 'Membrane lipoprotein TpN38(b)'
2 non-polymer RIBOFLAVIN
3 non-polymer 'SODIUM ION'
4 non-polymer 'POTASSIUM ION'
5 non-polymer 1,2-ETHANEDIOL
6 water water
#
_entity_poly.entity_id   1
_entity_poly.type   'polypeptide(L)'
_entity_poly.pdbx_seq_one_letter_code
;MSGSHHHHHHSSGIEGRGRLIKHRPAVQDERAVRIAVFVPGFRHDSPVYAMLCDGVERAVTQERATGRSIGLDIIEAGPN
QALWREKLAHLAAEQRYRLIVSSNPALPHVLEPILRQFPLQRFLVLDAYAPQEHSLITFRYNQWEQAYLAGHLSALVSAS
AMRFANADKKIGLIAGQSYPVMTQTIIPAFLAGARAVDPAFEVDVRVVGNWYDAAKSADLARILFHEGVDVMMPICGGAN
QGVLAAARELGFYVSWFDDNGYARAPGYVVGSSVMEQERLAYEQTLRCIRGELPSAGAWTLGVKDGYVRFIEEDPLYLQT
VPEPIRVRQSALLRRIQSGELTLPVR
;
_entity_poly.pdbx_strand_id   A
#
loop_
_chem_comp.id
_chem_comp.type
_chem_comp.name
_chem_comp.formula
EDO non-polymer 1,2-ETHANEDIOL 'C2 H6 O2'
K non-polymer 'POTASSIUM ION' 'K 1'
NA non-polymer 'SODIUM ION' 'Na 1'
RBF non-polymer RIBOFLAVIN 'C17 H20 N4 O6'
#
# COMPACT_ATOMS: atom_id res chain seq x y z
N ARG A 31 28.41 -18.66 0.48
N ARG A 31 28.34 -18.48 0.26
CA ARG A 31 28.64 -17.35 1.09
CA ARG A 31 28.72 -17.35 1.11
C ARG A 31 27.47 -16.92 1.96
C ARG A 31 27.52 -16.88 1.92
N ALA A 32 27.77 -16.45 3.17
CA ALA A 32 26.71 -15.93 4.04
C ALA A 32 26.18 -14.59 3.51
N VAL A 33 24.92 -14.30 3.82
CA VAL A 33 24.27 -13.08 3.40
C VAL A 33 23.50 -12.49 4.59
N ARG A 34 23.57 -11.18 4.76
N ARG A 34 23.62 -11.19 4.81
CA ARG A 34 22.83 -10.53 5.83
CA ARG A 34 22.85 -10.49 5.86
C ARG A 34 22.04 -9.33 5.32
C ARG A 34 22.01 -9.39 5.23
N ILE A 35 20.74 -9.35 5.62
CA ILE A 35 19.78 -8.39 5.11
C ILE A 35 19.16 -7.65 6.29
N ALA A 36 18.93 -6.35 6.10
CA ALA A 36 18.17 -5.57 7.06
C ALA A 36 16.91 -5.03 6.40
N VAL A 37 15.81 -5.01 7.14
CA VAL A 37 14.61 -4.29 6.74
C VAL A 37 14.41 -3.12 7.68
N PHE A 38 14.33 -1.92 7.10
CA PHE A 38 14.03 -0.71 7.85
C PHE A 38 12.55 -0.41 7.69
N VAL A 39 11.80 -0.54 8.79
CA VAL A 39 10.36 -0.25 8.73
C VAL A 39 10.13 1.18 9.23
N PRO A 40 9.63 2.07 8.35
CA PRO A 40 9.44 3.46 8.75
C PRO A 40 8.11 3.61 9.51
N GLY A 41 8.09 3.07 10.72
CA GLY A 41 6.90 2.96 11.54
C GLY A 41 6.93 1.63 12.26
N PHE A 42 5.81 0.92 12.23
CA PHE A 42 5.66 -0.38 12.86
C PHE A 42 5.18 -1.37 11.83
N ARG A 43 5.62 -2.62 11.98
CA ARG A 43 5.21 -3.70 11.07
C ARG A 43 3.72 -4.07 11.17
N HIS A 44 3.28 -4.35 12.39
N HIS A 44 3.27 -4.38 12.38
CA HIS A 44 1.92 -4.77 12.63
CA HIS A 44 1.91 -4.87 12.58
C HIS A 44 0.93 -3.67 12.31
C HIS A 44 0.90 -3.73 12.40
N ASP A 45 -0.20 -4.06 11.73
CA ASP A 45 -1.31 -3.17 11.52
C ASP A 45 -1.07 -2.14 10.43
N SER A 46 0.06 -2.22 9.72
CA SER A 46 0.36 -1.38 8.55
C SER A 46 0.53 -2.25 7.33
N PRO A 47 -0.49 -2.32 6.45
CA PRO A 47 -0.43 -3.30 5.35
C PRO A 47 0.86 -3.26 4.54
N VAL A 48 1.33 -2.09 4.15
CA VAL A 48 2.54 -2.04 3.34
C VAL A 48 3.74 -2.65 4.04
N TYR A 49 3.88 -2.41 5.35
CA TYR A 49 5.04 -2.89 6.08
C TYR A 49 4.88 -4.35 6.49
N ALA A 50 3.65 -4.77 6.81
CA ALA A 50 3.40 -6.16 7.13
C ALA A 50 3.73 -7.00 5.90
N MET A 51 3.28 -6.56 4.72
CA MET A 51 3.54 -7.28 3.48
C MET A 51 5.04 -7.31 3.19
N LEU A 52 5.71 -6.17 3.38
CA LEU A 52 7.15 -6.08 3.12
C LEU A 52 7.89 -7.11 3.97
N CYS A 53 7.65 -7.08 5.28
CA CYS A 53 8.36 -7.96 6.17
C CYS A 53 8.00 -9.43 5.92
N ASP A 54 6.72 -9.72 5.69
CA ASP A 54 6.31 -11.09 5.39
C ASP A 54 7.07 -11.62 4.17
N GLY A 55 7.17 -10.82 3.11
CA GLY A 55 7.82 -11.30 1.90
C GLY A 55 9.32 -11.47 2.04
N VAL A 56 9.99 -10.53 2.72
CA VAL A 56 11.42 -10.68 2.96
C VAL A 56 11.66 -11.93 3.80
N GLU A 57 10.86 -12.12 4.86
CA GLU A 57 11.00 -13.30 5.70
C GLU A 57 10.77 -14.58 4.92
N ARG A 58 9.80 -14.58 4.01
CA ARG A 58 9.51 -15.79 3.25
C ARG A 58 10.73 -16.18 2.40
N ALA A 59 11.36 -15.21 1.77
CA ALA A 59 12.55 -15.46 0.96
C ALA A 59 13.72 -15.97 1.81
N VAL A 60 13.95 -15.31 2.94
CA VAL A 60 15.04 -15.68 3.82
C VAL A 60 14.83 -17.10 4.37
N THR A 61 13.64 -17.41 4.86
CA THR A 61 13.32 -18.72 5.40
C THR A 61 13.53 -19.78 4.32
N GLN A 62 13.06 -19.48 3.12
CA GLN A 62 13.18 -20.42 2.00
C GLN A 62 14.63 -20.76 1.72
N GLU A 63 15.46 -19.74 1.59
CA GLU A 63 16.86 -19.99 1.24
C GLU A 63 17.67 -20.55 2.41
N ARG A 64 17.33 -20.18 3.63
CA ARG A 64 17.94 -20.84 4.80
C ARG A 64 17.74 -22.34 4.77
N ALA A 65 16.57 -22.77 4.31
CA ALA A 65 16.21 -24.18 4.32
C ALA A 65 17.05 -25.00 3.34
N THR A 66 17.81 -24.33 2.48
CA THR A 66 18.73 -25.02 1.57
C THR A 66 20.07 -25.30 2.25
N GLY A 67 20.27 -24.74 3.44
CA GLY A 67 21.51 -24.94 4.18
C GLY A 67 22.34 -23.68 4.25
N ARG A 68 21.90 -22.65 3.57
CA ARG A 68 22.66 -21.42 3.52
C ARG A 68 22.47 -20.55 4.76
N SER A 69 23.54 -19.88 5.16
N SER A 69 23.54 -19.88 5.16
CA SER A 69 23.51 -18.97 6.30
CA SER A 69 23.49 -18.97 6.30
C SER A 69 23.01 -17.61 5.85
C SER A 69 23.00 -17.61 5.84
N ILE A 70 21.84 -17.22 6.35
CA ILE A 70 21.24 -15.93 5.99
C ILE A 70 20.76 -15.25 7.24
N GLY A 71 21.23 -14.03 7.45
CA GLY A 71 20.79 -13.24 8.58
C GLY A 71 19.74 -12.24 8.14
N LEU A 72 18.76 -12.00 9.00
CA LEU A 72 17.74 -11.00 8.74
C LEU A 72 17.45 -10.24 10.03
N ASP A 73 17.69 -8.93 9.99
CA ASP A 73 17.34 -8.02 11.07
C ASP A 73 16.25 -7.06 10.59
N ILE A 74 15.19 -6.92 11.37
CA ILE A 74 14.11 -5.98 11.08
C ILE A 74 14.15 -4.88 12.12
N ILE A 75 14.30 -3.65 11.66
CA ILE A 75 14.35 -2.48 12.54
C ILE A 75 13.03 -1.73 12.38
N GLU A 76 12.30 -1.58 13.48
CA GLU A 76 11.09 -0.78 13.49
C GLU A 76 11.43 0.59 13.99
N ALA A 77 11.40 1.56 13.10
CA ALA A 77 11.83 2.90 13.46
C ALA A 77 10.83 3.62 14.36
N GLY A 78 9.58 3.20 14.34
CA GLY A 78 8.56 3.94 15.06
C GLY A 78 8.13 5.20 14.32
N PRO A 79 7.24 5.98 14.95
CA PRO A 79 6.55 7.06 14.24
C PRO A 79 7.36 8.34 14.06
N ASN A 80 8.47 8.51 14.78
CA ASN A 80 9.20 9.77 14.78
C ASN A 80 10.04 9.88 13.51
N GLN A 81 9.52 10.57 12.51
CA GLN A 81 10.20 10.66 11.22
C GLN A 81 11.52 11.42 11.26
N ALA A 82 11.71 12.25 12.28
CA ALA A 82 12.92 13.03 12.38
C ALA A 82 14.15 12.16 12.68
N LEU A 83 13.91 10.93 13.13
CA LEU A 83 15.02 10.03 13.46
C LEU A 83 15.32 9.04 12.34
N TRP A 84 14.47 8.98 11.31
CA TRP A 84 14.64 7.94 10.29
C TRP A 84 15.99 8.02 9.59
N ARG A 85 16.40 9.22 9.19
CA ARG A 85 17.63 9.36 8.42
C ARG A 85 18.83 8.86 9.23
N GLU A 86 18.95 9.29 10.48
CA GLU A 86 20.11 8.88 11.28
C GLU A 86 20.10 7.37 11.57
N LYS A 87 18.92 6.79 11.74
N LYS A 87 18.92 6.78 11.72
CA LYS A 87 18.81 5.34 11.92
CA LYS A 87 18.83 5.34 11.93
C LYS A 87 19.31 4.59 10.69
C LYS A 87 19.29 4.57 10.69
N LEU A 88 18.87 5.01 9.50
CA LEU A 88 19.35 4.42 8.26
C LEU A 88 20.86 4.63 8.06
N ALA A 89 21.35 5.80 8.42
CA ALA A 89 22.78 6.05 8.30
C ALA A 89 23.58 5.08 9.18
N HIS A 90 23.08 4.83 10.39
N HIS A 90 23.10 4.83 10.39
CA HIS A 90 23.69 3.87 11.31
CA HIS A 90 23.78 3.89 11.28
C HIS A 90 23.77 2.48 10.68
C HIS A 90 23.77 2.46 10.68
N LEU A 91 22.66 2.05 10.09
CA LEU A 91 22.62 0.73 9.45
C LEU A 91 23.64 0.63 8.34
N ALA A 92 23.74 1.67 7.51
CA ALA A 92 24.75 1.68 6.44
C ALA A 92 26.17 1.67 7.00
N ALA A 93 26.37 2.46 8.05
CA ALA A 93 27.68 2.58 8.67
C ALA A 93 28.15 1.28 9.33
N GLU A 94 27.20 0.43 9.73
CA GLU A 94 27.54 -0.89 10.30
C GLU A 94 28.24 -1.81 9.31
N GLN A 95 28.08 -1.54 8.03
CA GLN A 95 28.79 -2.22 6.96
C GLN A 95 28.66 -3.71 7.04
N ARG A 96 27.49 -4.17 7.41
CA ARG A 96 27.30 -5.59 7.52
C ARG A 96 26.21 -6.13 6.63
N TYR A 97 25.29 -5.29 6.17
CA TYR A 97 24.16 -5.75 5.39
C TYR A 97 24.43 -5.66 3.89
N ARG A 98 24.30 -6.80 3.21
CA ARG A 98 24.38 -6.81 1.75
C ARG A 98 23.32 -5.88 1.15
N LEU A 99 22.15 -5.80 1.80
CA LEU A 99 21.05 -5.01 1.33
C LEU A 99 20.26 -4.50 2.52
N ILE A 100 19.87 -3.22 2.45
CA ILE A 100 18.91 -2.65 3.38
C ILE A 100 17.65 -2.37 2.57
N VAL A 101 16.55 -2.96 3.02
CA VAL A 101 15.25 -2.91 2.35
C VAL A 101 14.32 -1.99 3.10
N SER A 102 13.59 -1.13 2.40
CA SER A 102 12.57 -0.33 3.04
C SER A 102 11.40 -0.10 2.09
N SER A 103 10.49 0.80 2.46
CA SER A 103 9.29 1.05 1.68
C SER A 103 8.77 2.45 1.98
N ASN A 104 8.10 3.02 1.00
CA ASN A 104 7.27 4.24 1.07
C ASN A 104 7.96 5.39 0.31
N PRO A 105 7.13 6.28 -0.23
CA PRO A 105 7.69 7.17 -1.26
C PRO A 105 8.61 8.26 -0.72
N ALA A 106 8.66 8.44 0.59
CA ALA A 106 9.56 9.43 1.20
C ALA A 106 10.99 8.90 1.33
N LEU A 107 11.17 7.58 1.20
CA LEU A 107 12.46 6.99 1.51
C LEU A 107 13.61 7.49 0.62
N PRO A 108 13.37 7.69 -0.68
CA PRO A 108 14.47 8.22 -1.50
C PRO A 108 15.00 9.56 -0.97
N HIS A 109 14.11 10.45 -0.55
CA HIS A 109 14.55 11.74 -0.01
C HIS A 109 15.30 11.53 1.30
N VAL A 110 14.76 10.68 2.17
CA VAL A 110 15.43 10.37 3.43
C VAL A 110 16.85 9.88 3.16
N LEU A 111 16.98 9.04 2.14
CA LEU A 111 18.27 8.41 1.84
C LEU A 111 19.33 9.30 1.16
N GLU A 112 18.93 10.45 0.63
N GLU A 112 18.92 10.44 0.63
CA GLU A 112 19.81 11.23 -0.24
CA GLU A 112 19.80 11.23 -0.24
C GLU A 112 21.25 11.36 0.29
C GLU A 112 21.25 11.39 0.28
N PRO A 113 21.43 11.91 1.50
CA PRO A 113 22.81 12.10 1.95
C PRO A 113 23.52 10.78 2.30
N ILE A 114 22.75 9.77 2.67
CA ILE A 114 23.31 8.45 3.00
C ILE A 114 23.88 7.78 1.75
N LEU A 115 23.19 7.90 0.62
CA LEU A 115 23.69 7.37 -0.64
C LEU A 115 25.03 7.99 -0.99
N ARG A 116 25.18 9.27 -0.67
CA ARG A 116 26.42 10.00 -0.93
C ARG A 116 27.53 9.60 0.03
N GLN A 117 27.19 9.42 1.30
CA GLN A 117 28.20 9.15 2.33
C GLN A 117 28.65 7.70 2.33
N PHE A 118 27.73 6.79 2.00
CA PHE A 118 28.00 5.35 2.02
C PHE A 118 27.65 4.74 0.66
N PRO A 119 28.38 5.13 -0.39
CA PRO A 119 28.03 4.66 -1.75
C PRO A 119 28.15 3.15 -1.96
N LEU A 120 28.85 2.41 -1.09
CA LEU A 120 28.97 0.96 -1.26
C LEU A 120 27.79 0.21 -0.64
N GLN A 121 26.95 0.91 0.11
CA GLN A 121 25.75 0.27 0.69
C GLN A 121 24.62 0.19 -0.34
N ARG A 122 24.17 -1.03 -0.63
CA ARG A 122 22.99 -1.22 -1.48
C ARG A 122 21.69 -1.07 -0.69
N PHE A 123 20.73 -0.38 -1.31
CA PHE A 123 19.39 -0.18 -0.79
C PHE A 123 18.36 -0.64 -1.82
N LEU A 124 17.26 -1.22 -1.33
CA LEU A 124 16.09 -1.55 -2.13
C LEU A 124 14.88 -0.92 -1.44
N VAL A 125 14.09 -0.13 -2.18
CA VAL A 125 12.92 0.51 -1.58
C VAL A 125 11.72 0.23 -2.47
N LEU A 126 10.70 -0.41 -1.89
CA LEU A 126 9.44 -0.64 -2.59
C LEU A 126 8.50 0.54 -2.32
N ASP A 127 7.45 0.64 -3.12
CA ASP A 127 6.52 1.76 -3.01
C ASP A 127 7.29 3.10 -3.03
N ALA A 128 8.15 3.26 -4.03
CA ALA A 128 8.99 4.45 -4.14
C ALA A 128 9.52 4.57 -5.56
N TYR A 129 10.11 5.72 -5.85
CA TYR A 129 10.56 6.04 -7.18
C TYR A 129 11.78 6.93 -7.13
N ALA A 130 12.94 6.38 -7.53
CA ALA A 130 14.19 7.12 -7.46
C ALA A 130 15.00 6.74 -8.68
N PRO A 131 14.64 7.32 -9.83
CA PRO A 131 15.44 6.98 -11.01
C PRO A 131 16.85 7.59 -10.92
N GLN A 132 17.83 6.88 -11.46
CA GLN A 132 19.17 7.45 -11.66
C GLN A 132 20.00 7.57 -10.40
N GLU A 133 19.78 6.71 -9.43
CA GLU A 133 20.71 6.60 -8.35
C GLU A 133 21.72 5.52 -8.74
N HIS A 134 22.71 5.28 -7.90
CA HIS A 134 23.73 4.27 -8.19
C HIS A 134 23.71 3.04 -7.27
N SER A 135 23.14 3.23 -6.08
N SER A 135 23.17 3.22 -6.07
CA SER A 135 23.13 2.22 -5.03
CA SER A 135 23.11 2.16 -5.07
C SER A 135 21.73 2.03 -4.44
C SER A 135 21.73 2.10 -4.40
N LEU A 136 20.72 2.52 -5.15
CA LEU A 136 19.33 2.43 -4.72
C LEU A 136 18.51 1.93 -5.90
N ILE A 137 17.82 0.81 -5.71
CA ILE A 137 16.86 0.29 -6.66
C ILE A 137 15.47 0.46 -6.05
N THR A 138 14.53 0.98 -6.85
CA THR A 138 13.17 1.19 -6.39
C THR A 138 12.15 0.51 -7.29
N PHE A 139 11.00 0.21 -6.69
CA PHE A 139 9.82 -0.27 -7.40
C PHE A 139 8.62 0.54 -6.89
N ARG A 140 7.83 1.06 -7.83
CA ARG A 140 6.61 1.79 -7.53
C ARG A 140 5.47 0.98 -8.16
N TYR A 141 4.32 0.99 -7.51
CA TYR A 141 3.10 0.38 -8.08
C TYR A 141 2.31 1.47 -8.78
N ASN A 142 1.53 1.08 -9.78
CA ASN A 142 0.65 2.03 -10.45
C ASN A 142 -0.57 2.24 -9.59
N GLN A 143 -0.49 3.27 -8.76
CA GLN A 143 -1.55 3.56 -7.83
C GLN A 143 -2.67 4.42 -8.43
N TRP A 144 -2.49 4.90 -9.65
N TRP A 144 -2.47 4.90 -9.65
CA TRP A 144 -3.64 5.45 -10.37
CA TRP A 144 -3.58 5.44 -10.42
C TRP A 144 -4.61 4.29 -10.62
C TRP A 144 -4.58 4.32 -10.68
N GLU A 145 -4.09 3.17 -11.13
CA GLU A 145 -4.92 1.99 -11.31
C GLU A 145 -5.52 1.53 -9.99
N GLN A 146 -4.66 1.42 -8.97
CA GLN A 146 -5.09 0.87 -7.70
C GLN A 146 -6.24 1.69 -7.12
N ALA A 147 -6.06 3.01 -7.08
CA ALA A 147 -7.07 3.89 -6.48
C ALA A 147 -8.29 4.10 -7.36
N TYR A 148 -8.11 4.05 -8.69
CA TYR A 148 -9.25 4.17 -9.60
C TYR A 148 -10.19 2.97 -9.42
N LEU A 149 -9.60 1.78 -9.31
CA LEU A 149 -10.38 0.58 -9.05
C LEU A 149 -11.19 0.76 -7.75
N ALA A 150 -10.55 1.30 -6.72
CA ALA A 150 -11.20 1.49 -5.42
C ALA A 150 -12.32 2.51 -5.50
N GLY A 151 -12.08 3.60 -6.21
CA GLY A 151 -13.07 4.66 -6.33
C GLY A 151 -14.29 4.27 -7.16
N HIS A 152 -14.05 3.54 -8.23
CA HIS A 152 -15.12 3.01 -9.06
C HIS A 152 -16.02 2.06 -8.25
N LEU A 153 -15.40 1.13 -7.54
CA LEU A 153 -16.17 0.21 -6.69
C LEU A 153 -16.95 0.99 -5.65
N SER A 154 -16.28 1.96 -5.01
CA SER A 154 -16.92 2.73 -3.96
C SER A 154 -18.15 3.47 -4.48
N ALA A 155 -18.02 4.08 -5.65
CA ALA A 155 -19.14 4.82 -6.22
C ALA A 155 -20.29 3.88 -6.60
N LEU A 156 -19.98 2.71 -7.14
CA LEU A 156 -21.03 1.75 -7.46
C LEU A 156 -21.82 1.39 -6.20
N VAL A 157 -21.13 1.14 -5.11
CA VAL A 157 -21.79 0.83 -3.86
C VAL A 157 -22.61 2.03 -3.36
N SER A 158 -22.01 3.21 -3.38
CA SER A 158 -22.68 4.40 -2.89
C SER A 158 -23.95 4.72 -3.69
N ALA A 159 -23.93 4.42 -4.98
CA ALA A 159 -25.06 4.72 -5.87
C ALA A 159 -26.14 3.64 -5.81
N SER A 160 -25.86 2.52 -5.15
CA SER A 160 -26.75 1.37 -5.14
C SER A 160 -27.81 1.50 -4.07
N ALA A 161 -28.61 0.45 -3.92
CA ALA A 161 -29.58 0.37 -2.83
C ALA A 161 -29.17 -0.69 -1.81
N MET A 162 -27.87 -0.91 -1.67
CA MET A 162 -27.36 -1.76 -0.59
C MET A 162 -27.76 -1.21 0.77
N ARG A 163 -27.78 -2.09 1.76
CA ARG A 163 -28.27 -1.77 3.10
C ARG A 163 -27.82 -0.40 3.61
N PHE A 164 -26.53 -0.11 3.58
CA PHE A 164 -26.03 1.15 4.15
C PHE A 164 -25.82 2.27 3.13
N ALA A 165 -26.13 2.04 1.87
CA ALA A 165 -26.00 3.11 0.89
C ALA A 165 -27.09 4.15 1.09
N ASN A 166 -26.73 5.41 0.85
CA ASN A 166 -27.72 6.49 0.88
C ASN A 166 -27.81 7.19 -0.48
N ALA A 167 -28.74 8.14 -0.59
CA ALA A 167 -29.07 8.76 -1.87
C ALA A 167 -28.10 9.84 -2.31
N ASP A 168 -27.15 10.19 -1.45
CA ASP A 168 -26.10 11.16 -1.80
C ASP A 168 -25.08 10.46 -2.72
N LYS A 169 -24.19 11.26 -3.30
CA LYS A 169 -23.08 10.76 -4.10
C LYS A 169 -21.78 11.22 -3.44
N LYS A 170 -21.59 10.78 -2.20
CA LYS A 170 -20.49 11.21 -1.37
C LYS A 170 -19.71 10.02 -0.83
N ILE A 171 -18.42 9.97 -1.13
CA ILE A 171 -17.55 8.97 -0.55
C ILE A 171 -16.39 9.69 0.17
N GLY A 172 -15.63 8.94 0.96
CA GLY A 172 -14.61 9.53 1.80
C GLY A 172 -13.30 8.81 1.73
N LEU A 173 -12.25 9.52 2.15
CA LEU A 173 -10.91 8.95 2.23
C LEU A 173 -10.26 9.51 3.49
N ILE A 174 -9.73 8.63 4.32
CA ILE A 174 -9.07 9.05 5.55
C ILE A 174 -7.60 8.63 5.49
N ALA A 175 -6.72 9.62 5.35
CA ALA A 175 -5.30 9.39 5.17
C ALA A 175 -4.55 9.59 6.48
N GLY A 176 -3.50 8.81 6.69
CA GLY A 176 -2.67 9.02 7.88
C GLY A 176 -2.02 10.40 7.89
N GLN A 177 -1.43 10.76 6.76
CA GLN A 177 -0.84 12.08 6.53
C GLN A 177 -1.00 12.42 5.06
N SER A 178 -0.82 13.69 4.74
N SER A 178 -0.79 13.69 4.73
CA SER A 178 -0.72 14.11 3.35
CA SER A 178 -0.73 14.14 3.35
C SER A 178 0.72 13.89 2.90
C SER A 178 0.71 14.06 2.86
N TYR A 179 0.87 13.61 1.62
CA TYR A 179 2.17 13.46 1.00
C TYR A 179 1.94 13.47 -0.50
N PRO A 180 2.98 13.77 -1.30
CA PRO A 180 2.76 13.93 -2.74
C PRO A 180 2.05 12.78 -3.45
N VAL A 181 2.40 11.53 -3.16
CA VAL A 181 1.72 10.44 -3.82
C VAL A 181 0.23 10.43 -3.47
N MET A 182 -0.08 10.69 -2.22
CA MET A 182 -1.47 10.74 -1.79
C MET A 182 -2.25 11.85 -2.51
N THR A 183 -1.69 13.06 -2.57
N THR A 183 -1.66 13.04 -2.58
CA THR A 183 -2.39 14.19 -3.15
CA THR A 183 -2.35 14.21 -3.13
C THR A 183 -2.40 14.19 -4.67
C THR A 183 -2.36 14.24 -4.66
N GLN A 184 -1.32 13.69 -5.29
CA GLN A 184 -1.17 13.76 -6.74
C GLN A 184 -1.61 12.50 -7.47
N THR A 185 -1.65 11.37 -6.77
CA THR A 185 -2.01 10.11 -7.41
C THR A 185 -3.24 9.48 -6.78
N ILE A 186 -3.16 9.14 -5.50
CA ILE A 186 -4.22 8.33 -4.91
C ILE A 186 -5.55 9.07 -4.85
N ILE A 187 -5.58 10.28 -4.30
CA ILE A 187 -6.83 11.03 -4.20
C ILE A 187 -7.43 11.33 -5.58
N PRO A 188 -6.64 11.89 -6.52
CA PRO A 188 -7.27 12.17 -7.82
C PRO A 188 -7.75 10.92 -8.56
N ALA A 189 -7.04 9.81 -8.41
CA ALA A 189 -7.45 8.58 -9.09
C ALA A 189 -8.73 8.00 -8.44
N PHE A 190 -8.84 8.08 -7.11
CA PHE A 190 -10.02 7.63 -6.39
C PHE A 190 -11.22 8.44 -6.89
N LEU A 191 -11.06 9.76 -6.96
CA LEU A 191 -12.12 10.63 -7.47
C LEU A 191 -12.46 10.29 -8.92
N ALA A 192 -11.44 10.08 -9.76
CA ALA A 192 -11.69 9.78 -11.18
C ALA A 192 -12.47 8.47 -11.33
N GLY A 193 -12.10 7.45 -10.56
CA GLY A 193 -12.81 6.19 -10.61
C GLY A 193 -14.28 6.37 -10.23
N ALA A 194 -14.54 7.16 -9.18
CA ALA A 194 -15.91 7.42 -8.74
C ALA A 194 -16.68 8.19 -9.82
N ARG A 195 -16.03 9.21 -10.41
CA ARG A 195 -16.70 10.03 -11.40
C ARG A 195 -16.98 9.29 -12.69
N ALA A 196 -16.29 8.18 -12.94
CA ALA A 196 -16.59 7.34 -14.10
C ALA A 196 -17.94 6.68 -13.92
N VAL A 197 -18.38 6.53 -12.66
CA VAL A 197 -19.69 5.97 -12.38
C VAL A 197 -20.76 7.05 -12.53
N ASP A 198 -20.50 8.22 -11.93
CA ASP A 198 -21.41 9.37 -12.04
C ASP A 198 -20.54 10.62 -11.79
N PRO A 199 -20.54 11.57 -12.73
CA PRO A 199 -19.69 12.77 -12.58
C PRO A 199 -20.02 13.61 -11.34
N ALA A 200 -21.19 13.40 -10.74
CA ALA A 200 -21.58 14.14 -9.54
C ALA A 200 -20.88 13.68 -8.27
N PHE A 201 -20.19 12.54 -8.30
CA PHE A 201 -19.52 12.04 -7.10
C PHE A 201 -18.51 13.02 -6.55
N GLU A 202 -18.46 13.08 -5.24
CA GLU A 202 -17.49 13.87 -4.52
C GLU A 202 -16.73 12.97 -3.54
N VAL A 203 -15.46 13.33 -3.31
CA VAL A 203 -14.62 12.67 -2.32
C VAL A 203 -14.28 13.66 -1.21
N ASP A 204 -14.60 13.31 0.03
CA ASP A 204 -14.27 14.13 1.19
C ASP A 204 -13.03 13.50 1.86
N VAL A 205 -11.91 14.21 1.76
CA VAL A 205 -10.65 13.78 2.34
C VAL A 205 -10.48 14.33 3.75
N ARG A 206 -10.04 13.47 4.64
CA ARG A 206 -9.68 13.81 6.01
C ARG A 206 -8.33 13.22 6.34
N VAL A 207 -7.65 13.79 7.32
CA VAL A 207 -6.28 13.39 7.68
C VAL A 207 -6.18 13.18 9.19
N VAL A 208 -5.58 12.05 9.58
CA VAL A 208 -5.38 11.74 10.99
C VAL A 208 -4.26 12.56 11.63
N GLY A 209 -3.13 12.59 10.95
CA GLY A 209 -1.91 13.21 11.44
C GLY A 209 -0.84 12.21 11.86
N ASN A 210 -1.19 10.93 11.94
CA ASN A 210 -0.25 9.86 12.24
C ASN A 210 -0.81 8.55 11.70
N TRP A 211 -0.01 7.50 11.82
CA TRP A 211 -0.32 6.21 11.24
C TRP A 211 -0.66 5.17 12.29
N TYR A 212 -1.14 5.59 13.46
CA TYR A 212 -1.47 4.64 14.51
C TYR A 212 -2.77 4.89 15.28
N ASP A 213 -3.26 6.13 15.39
CA ASP A 213 -4.28 6.42 16.38
C ASP A 213 -5.70 6.15 15.86
N ALA A 214 -6.16 4.94 16.12
CA ALA A 214 -7.49 4.47 15.69
C ALA A 214 -8.63 5.27 16.31
N ALA A 215 -8.43 5.83 17.50
CA ALA A 215 -9.48 6.69 18.06
C ALA A 215 -9.72 7.92 17.18
N LYS A 216 -8.63 8.49 16.68
CA LYS A 216 -8.72 9.73 15.92
C LYS A 216 -9.22 9.50 14.51
N SER A 217 -8.90 8.36 13.91
CA SER A 217 -9.49 8.03 12.61
C SER A 217 -10.99 7.71 12.75
N ALA A 218 -11.37 7.07 13.84
CA ALA A 218 -12.79 6.82 14.08
C ALA A 218 -13.56 8.14 14.20
N ASP A 219 -12.97 9.14 14.88
CA ASP A 219 -13.60 10.46 14.96
C ASP A 219 -13.86 11.03 13.55
N LEU A 220 -12.86 10.93 12.66
CA LEU A 220 -13.04 11.43 11.30
C LEU A 220 -14.12 10.67 10.56
N ALA A 221 -14.18 9.35 10.77
CA ALA A 221 -15.18 8.53 10.12
C ALA A 221 -16.58 8.96 10.56
N ARG A 222 -16.75 9.27 11.85
CA ARG A 222 -18.05 9.71 12.33
C ARG A 222 -18.44 11.06 11.69
N ILE A 223 -17.50 11.99 11.60
N ILE A 223 -17.49 11.98 11.59
CA ILE A 223 -17.74 13.25 10.92
CA ILE A 223 -17.73 13.25 10.90
C ILE A 223 -18.20 13.01 9.47
C ILE A 223 -18.24 12.97 9.48
N LEU A 224 -17.50 12.15 8.75
CA LEU A 224 -17.85 11.85 7.35
C LEU A 224 -19.23 11.21 7.23
N PHE A 225 -19.53 10.26 8.12
CA PHE A 225 -20.84 9.63 8.11
C PHE A 225 -21.95 10.66 8.26
N HIS A 226 -21.78 11.57 9.21
CA HIS A 226 -22.84 12.53 9.46
C HIS A 226 -22.94 13.59 8.34
N GLU A 227 -21.89 13.73 7.55
CA GLU A 227 -21.92 14.59 6.35
C GLU A 227 -22.62 13.89 5.17
N GLY A 228 -22.88 12.59 5.28
CA GLY A 228 -23.55 11.85 4.23
C GLY A 228 -22.71 10.84 3.48
N VAL A 229 -21.46 10.63 3.89
CA VAL A 229 -20.60 9.64 3.27
C VAL A 229 -21.07 8.23 3.68
N ASP A 230 -21.21 7.35 2.70
CA ASP A 230 -21.64 5.96 2.94
C ASP A 230 -20.59 4.91 2.58
N VAL A 231 -19.48 5.32 1.94
CA VAL A 231 -18.37 4.43 1.64
C VAL A 231 -17.10 5.25 1.88
N MET A 232 -16.13 4.72 2.61
N MET A 232 -16.17 4.69 2.66
CA MET A 232 -14.90 5.46 2.77
CA MET A 232 -14.90 5.32 3.01
C MET A 232 -13.71 4.52 2.80
C MET A 232 -13.73 4.40 2.72
N MET A 233 -12.59 5.04 2.33
N MET A 233 -12.61 4.99 2.34
CA MET A 233 -11.35 4.30 2.23
CA MET A 233 -11.34 4.28 2.20
C MET A 233 -10.36 4.78 3.27
C MET A 233 -10.33 4.75 3.23
N PRO A 234 -9.99 3.90 4.21
CA PRO A 234 -8.96 4.23 5.18
C PRO A 234 -7.58 3.88 4.63
N ILE A 235 -6.68 4.85 4.66
CA ILE A 235 -5.27 4.61 4.36
C ILE A 235 -4.52 5.33 5.46
N CYS A 236 -4.57 4.74 6.65
CA CYS A 236 -4.01 5.38 7.84
C CYS A 236 -3.36 4.33 8.77
N GLY A 237 -2.84 3.25 8.19
CA GLY A 237 -1.97 2.35 8.93
C GLY A 237 -2.72 1.68 10.06
N GLY A 238 -2.13 1.67 11.25
CA GLY A 238 -2.77 1.08 12.41
C GLY A 238 -4.07 1.79 12.80
N ALA A 239 -4.26 3.00 12.32
CA ALA A 239 -5.52 3.69 12.55
C ALA A 239 -6.65 3.16 11.65
N ASN A 240 -6.34 2.31 10.68
CA ASN A 240 -7.40 1.78 9.82
C ASN A 240 -8.48 1.10 10.64
N GLN A 241 -8.09 0.44 11.71
CA GLN A 241 -9.04 -0.28 12.55
C GLN A 241 -10.12 0.63 13.10
N GLY A 242 -9.80 1.91 13.36
CA GLY A 242 -10.79 2.85 13.86
C GLY A 242 -11.91 3.10 12.87
N VAL A 243 -11.56 3.08 11.60
CA VAL A 243 -12.54 3.29 10.55
C VAL A 243 -13.44 2.04 10.43
N LEU A 244 -12.85 0.84 10.55
CA LEU A 244 -13.65 -0.39 10.60
C LEU A 244 -14.61 -0.39 11.80
N ALA A 245 -14.14 0.08 12.95
CA ALA A 245 -14.98 0.12 14.15
C ALA A 245 -16.15 1.08 13.90
N ALA A 246 -15.87 2.23 13.32
CA ALA A 246 -16.91 3.21 13.06
C ALA A 246 -17.92 2.67 12.04
N ALA A 247 -17.44 1.89 11.07
CA ALA A 247 -18.33 1.30 10.06
C ALA A 247 -19.37 0.40 10.71
N ARG A 248 -18.93 -0.43 11.66
CA ARG A 248 -19.85 -1.31 12.38
C ARG A 248 -20.76 -0.51 13.30
N GLU A 249 -20.21 0.54 13.91
CA GLU A 249 -20.97 1.34 14.87
C GLU A 249 -22.10 2.10 14.19
N LEU A 250 -21.81 2.71 13.05
CA LEU A 250 -22.75 3.64 12.41
C LEU A 250 -23.48 3.05 11.21
N GLY A 251 -22.85 2.09 10.53
CA GLY A 251 -23.43 1.47 9.36
C GLY A 251 -23.02 2.17 8.07
N PHE A 252 -21.79 1.93 7.64
CA PHE A 252 -21.32 2.37 6.32
C PHE A 252 -20.32 1.37 5.81
N TYR A 253 -19.94 1.48 4.55
CA TYR A 253 -19.06 0.54 3.89
C TYR A 253 -17.62 1.06 3.79
N VAL A 254 -16.71 0.10 3.64
CA VAL A 254 -15.28 0.37 3.58
C VAL A 254 -14.69 -0.18 2.30
N SER A 255 -13.99 0.70 1.60
N SER A 255 -13.98 0.68 1.58
CA SER A 255 -13.14 0.38 0.48
CA SER A 255 -13.19 0.26 0.43
C SER A 255 -11.74 0.21 1.06
C SER A 255 -11.74 0.18 0.88
N TRP A 256 -11.27 -1.04 1.07
CA TRP A 256 -9.99 -1.34 1.69
C TRP A 256 -8.87 -1.26 0.67
N PHE A 257 -7.69 -0.84 1.11
CA PHE A 257 -6.54 -0.62 0.23
C PHE A 257 -5.36 -1.50 0.62
N ASP A 258 -4.52 -1.79 -0.37
CA ASP A 258 -3.17 -2.34 -0.22
C ASP A 258 -3.11 -3.86 -0.08
N ASP A 259 -3.88 -4.45 0.83
CA ASP A 259 -3.94 -5.90 0.95
C ASP A 259 -5.39 -6.36 1.08
N ASN A 260 -5.59 -7.67 1.30
CA ASN A 260 -6.92 -8.22 1.41
C ASN A 260 -7.51 -7.91 2.79
N GLY A 261 -8.51 -7.03 2.84
CA GLY A 261 -9.14 -6.65 4.08
C GLY A 261 -10.56 -7.17 4.29
N TYR A 262 -11.06 -8.04 3.41
CA TYR A 262 -12.48 -8.45 3.50
C TYR A 262 -12.86 -9.03 4.86
N ALA A 263 -11.98 -9.86 5.42
CA ALA A 263 -12.28 -10.58 6.65
C ALA A 263 -12.15 -9.70 7.88
N ARG A 264 -11.59 -8.50 7.73
CA ARG A 264 -11.48 -7.60 8.87
C ARG A 264 -12.81 -7.07 9.35
N ALA A 265 -13.79 -6.98 8.45
CA ALA A 265 -15.15 -6.60 8.84
C ALA A 265 -16.11 -7.15 7.79
N PRO A 266 -16.42 -8.44 7.90
CA PRO A 266 -17.22 -9.10 6.87
C PRO A 266 -18.54 -8.39 6.62
N GLY A 267 -18.81 -8.10 5.36
CA GLY A 267 -20.02 -7.42 4.98
C GLY A 267 -19.91 -5.92 4.92
N TYR A 268 -18.99 -5.36 5.70
CA TYR A 268 -18.69 -3.92 5.66
C TYR A 268 -17.64 -3.58 4.61
N VAL A 269 -16.63 -4.42 4.49
CA VAL A 269 -15.57 -4.20 3.52
C VAL A 269 -16.05 -4.71 2.17
N VAL A 270 -16.23 -3.79 1.23
CA VAL A 270 -16.86 -4.08 -0.05
C VAL A 270 -15.85 -4.22 -1.19
N GLY A 271 -14.61 -3.82 -0.94
CA GLY A 271 -13.57 -4.02 -1.94
C GLY A 271 -12.20 -4.04 -1.30
N SER A 272 -11.25 -4.73 -1.96
CA SER A 272 -9.85 -4.65 -1.63
C SER A 272 -9.07 -4.39 -2.93
N SER A 273 -8.46 -3.21 -3.00
CA SER A 273 -7.71 -2.76 -4.16
C SER A 273 -6.26 -2.72 -3.72
N VAL A 274 -5.44 -3.59 -4.29
CA VAL A 274 -4.22 -4.01 -3.63
C VAL A 274 -2.97 -3.87 -4.47
N MET A 275 -1.84 -3.85 -3.77
CA MET A 275 -0.50 -3.94 -4.33
C MET A 275 0.08 -5.28 -3.90
N GLU A 276 0.80 -5.95 -4.81
CA GLU A 276 1.34 -7.28 -4.52
C GLU A 276 2.72 -7.16 -3.86
N GLN A 277 2.73 -6.48 -2.71
CA GLN A 277 3.97 -6.14 -2.03
C GLN A 277 4.61 -7.36 -1.36
N GLU A 278 3.81 -8.29 -0.84
CA GLU A 278 4.41 -9.48 -0.24
C GLU A 278 5.20 -10.24 -1.31
N ARG A 279 4.59 -10.45 -2.47
CA ARG A 279 5.25 -11.16 -3.53
C ARG A 279 6.47 -10.42 -4.06
N LEU A 280 6.34 -9.12 -4.29
CA LEU A 280 7.47 -8.37 -4.81
C LEU A 280 8.65 -8.37 -3.83
N ALA A 281 8.36 -8.21 -2.55
CA ALA A 281 9.40 -8.23 -1.53
C ALA A 281 10.11 -9.58 -1.52
N TYR A 282 9.33 -10.65 -1.57
CA TYR A 282 9.87 -12.01 -1.67
C TYR A 282 10.76 -12.15 -2.91
N GLU A 283 10.25 -11.74 -4.07
CA GLU A 283 10.98 -11.93 -5.31
C GLU A 283 12.30 -11.18 -5.33
N GLN A 284 12.30 -9.93 -4.86
CA GLN A 284 13.51 -9.12 -4.93
C GLN A 284 14.53 -9.54 -3.88
N THR A 285 14.04 -9.97 -2.73
CA THR A 285 14.93 -10.49 -1.70
C THR A 285 15.63 -11.74 -2.19
N LEU A 286 14.86 -12.58 -2.87
N LEU A 286 14.89 -12.62 -2.86
CA LEU A 286 15.38 -13.79 -3.47
CA LEU A 286 15.51 -13.81 -3.45
C LEU A 286 16.49 -13.49 -4.48
C LEU A 286 16.58 -13.44 -4.45
N ARG A 287 16.30 -12.46 -5.29
CA ARG A 287 17.31 -12.04 -6.26
C ARG A 287 18.57 -11.58 -5.55
N CYS A 288 18.40 -10.84 -4.46
N CYS A 288 18.43 -10.84 -4.47
CA CYS A 288 19.54 -10.39 -3.65
CA CYS A 288 19.59 -10.40 -3.73
C CYS A 288 20.37 -11.55 -3.16
C CYS A 288 20.38 -11.61 -3.23
N ILE A 289 19.70 -12.54 -2.58
CA ILE A 289 20.36 -13.70 -2.01
C ILE A 289 21.13 -14.48 -3.07
N ARG A 290 20.59 -14.56 -4.28
N ARG A 290 20.56 -14.57 -4.27
CA ARG A 290 21.22 -15.36 -5.32
CA ARG A 290 21.18 -15.34 -5.34
C ARG A 290 22.21 -14.55 -6.17
C ARG A 290 22.01 -14.47 -6.29
N GLY A 291 22.38 -13.28 -5.82
CA GLY A 291 23.33 -12.43 -6.52
C GLY A 291 22.84 -11.88 -7.85
N GLU A 292 21.53 -11.67 -7.96
CA GLU A 292 20.94 -11.24 -9.21
C GLU A 292 20.19 -9.91 -9.13
N LEU A 293 20.24 -9.24 -7.98
CA LEU A 293 19.54 -7.96 -7.85
C LEU A 293 20.43 -6.81 -8.31
N PRO A 294 19.98 -6.05 -9.32
CA PRO A 294 20.78 -4.91 -9.77
C PRO A 294 20.96 -3.86 -8.68
N SER A 295 22.02 -3.06 -8.81
CA SER A 295 22.36 -2.06 -7.80
C SER A 295 21.46 -0.82 -7.87
N ALA A 296 20.85 -0.61 -9.03
CA ALA A 296 20.04 0.58 -9.25
C ALA A 296 18.94 0.27 -10.23
N GLY A 297 18.06 1.24 -10.41
CA GLY A 297 16.92 1.12 -11.32
C GLY A 297 15.66 1.61 -10.64
N ALA A 298 14.67 2.06 -11.41
CA ALA A 298 13.37 2.49 -10.86
C ALA A 298 12.23 1.99 -11.73
N TRP A 299 11.60 0.91 -11.25
CA TRP A 299 10.57 0.20 -11.96
C TRP A 299 9.19 0.65 -11.54
N THR A 300 8.24 0.56 -12.46
CA THR A 300 6.84 0.81 -12.18
C THR A 300 6.07 -0.41 -12.63
N LEU A 301 5.26 -0.98 -11.71
CA LEU A 301 4.52 -2.20 -11.96
C LEU A 301 3.04 -1.98 -11.70
N GLY A 302 2.19 -2.44 -12.62
CA GLY A 302 0.77 -2.20 -12.52
C GLY A 302 -0.07 -3.44 -12.78
N VAL A 303 -1.32 -3.21 -13.14
CA VAL A 303 -2.27 -4.29 -13.35
C VAL A 303 -1.78 -5.26 -14.43
N LYS A 304 -1.30 -4.73 -15.55
CA LYS A 304 -0.90 -5.56 -16.67
C LYS A 304 0.35 -6.38 -16.35
N ASP A 305 1.12 -5.97 -15.33
CA ASP A 305 2.29 -6.72 -14.89
C ASP A 305 1.97 -7.73 -13.80
N GLY A 306 0.75 -7.64 -13.23
CA GLY A 306 0.33 -8.55 -12.19
C GLY A 306 0.54 -8.07 -10.76
N TYR A 307 0.95 -6.81 -10.59
CA TYR A 307 1.32 -6.33 -9.26
C TYR A 307 0.35 -5.33 -8.62
N VAL A 308 -0.68 -4.93 -9.34
CA VAL A 308 -1.84 -4.23 -8.78
C VAL A 308 -3.06 -5.05 -9.16
N ARG A 309 -3.97 -5.25 -8.21
CA ARG A 309 -5.14 -6.12 -8.44
C ARG A 309 -6.33 -5.55 -7.72
N PHE A 310 -7.51 -5.96 -8.17
CA PHE A 310 -8.72 -5.83 -7.35
C PHE A 310 -9.14 -7.24 -7.01
N ILE A 311 -9.27 -7.54 -5.72
CA ILE A 311 -9.51 -8.91 -5.29
C ILE A 311 -10.97 -9.30 -5.44
N GLU A 312 -11.28 -10.01 -6.52
CA GLU A 312 -12.61 -10.50 -6.79
C GLU A 312 -12.83 -11.92 -6.33
N GLU A 313 -11.75 -12.64 -6.04
CA GLU A 313 -11.84 -14.08 -5.83
C GLU A 313 -12.22 -14.49 -4.41
N ASP A 314 -12.24 -13.54 -3.49
CA ASP A 314 -12.55 -13.82 -2.09
C ASP A 314 -14.05 -14.09 -1.92
N PRO A 315 -14.40 -15.23 -1.30
CA PRO A 315 -15.82 -15.52 -1.10
C PRO A 315 -16.58 -14.43 -0.35
N LEU A 316 -15.92 -13.67 0.52
CA LEU A 316 -16.61 -12.61 1.22
C LEU A 316 -17.06 -11.50 0.27
N TYR A 317 -16.27 -11.23 -0.76
CA TYR A 317 -16.66 -10.23 -1.77
C TYR A 317 -17.91 -10.70 -2.50
N LEU A 318 -17.90 -11.95 -2.91
CA LEU A 318 -19.01 -12.53 -3.65
C LEU A 318 -20.31 -12.54 -2.81
N GLN A 319 -20.16 -12.68 -1.50
CA GLN A 319 -21.31 -12.68 -0.58
C GLN A 319 -21.79 -11.26 -0.21
N THR A 320 -20.88 -10.31 -0.26
CA THR A 320 -21.09 -8.96 0.28
C THR A 320 -21.64 -8.00 -0.75
N VAL A 321 -21.27 -8.20 -2.01
CA VAL A 321 -21.51 -7.23 -3.07
C VAL A 321 -22.42 -7.83 -4.13
N PRO A 322 -23.52 -7.14 -4.47
CA PRO A 322 -24.51 -7.71 -5.39
C PRO A 322 -24.01 -7.78 -6.85
N GLU A 323 -24.67 -8.64 -7.60
CA GLU A 323 -24.26 -8.97 -8.96
C GLU A 323 -23.98 -7.76 -9.87
N PRO A 324 -24.91 -6.79 -9.94
CA PRO A 324 -24.67 -5.73 -10.94
C PRO A 324 -23.38 -4.96 -10.69
N ILE A 325 -23.03 -4.78 -9.41
CA ILE A 325 -21.80 -4.08 -9.06
C ILE A 325 -20.60 -4.94 -9.43
N ARG A 326 -20.65 -6.22 -9.09
CA ARG A 326 -19.52 -7.12 -9.41
C ARG A 326 -19.31 -7.22 -10.91
N VAL A 327 -20.40 -7.24 -11.68
CA VAL A 327 -20.31 -7.34 -13.13
C VAL A 327 -19.59 -6.11 -13.69
N ARG A 328 -19.95 -4.93 -13.23
N ARG A 328 -19.97 -4.93 -13.23
CA ARG A 328 -19.30 -3.70 -13.71
CA ARG A 328 -19.33 -3.69 -13.68
C ARG A 328 -17.85 -3.59 -13.26
C ARG A 328 -17.87 -3.61 -13.27
N GLN A 329 -17.56 -4.04 -12.05
CA GLN A 329 -16.19 -4.00 -11.57
C GLN A 329 -15.30 -4.95 -12.40
N SER A 330 -15.81 -6.13 -12.73
N SER A 330 -15.84 -6.11 -12.74
CA SER A 330 -15.08 -7.06 -13.59
CA SER A 330 -15.12 -7.07 -13.56
C SER A 330 -14.81 -6.46 -14.98
C SER A 330 -14.85 -6.53 -14.97
N ALA A 331 -15.82 -5.82 -15.53
CA ALA A 331 -15.69 -5.21 -16.85
C ALA A 331 -14.60 -4.14 -16.83
N LEU A 332 -14.56 -3.36 -15.76
CA LEU A 332 -13.52 -2.36 -15.63
C LEU A 332 -12.14 -3.01 -15.59
N LEU A 333 -12.00 -4.06 -14.80
CA LEU A 333 -10.72 -4.73 -14.73
C LEU A 333 -10.25 -5.19 -16.11
N ARG A 334 -11.19 -5.67 -16.92
CA ARG A 334 -10.85 -6.11 -18.27
C ARG A 334 -10.32 -4.97 -19.15
N ARG A 335 -10.90 -3.78 -19.03
N ARG A 335 -10.93 -3.79 -19.06
CA ARG A 335 -10.47 -2.63 -19.81
CA ARG A 335 -10.45 -2.63 -19.83
C ARG A 335 -9.08 -2.16 -19.39
C ARG A 335 -9.02 -2.30 -19.42
N ILE A 336 -8.73 -2.32 -18.13
CA ILE A 336 -7.39 -1.96 -17.67
C ILE A 336 -6.40 -3.04 -18.08
N GLN A 337 -6.79 -4.30 -17.97
CA GLN A 337 -5.91 -5.40 -18.35
C GLN A 337 -5.53 -5.36 -19.83
N SER A 338 -6.41 -4.84 -20.69
CA SER A 338 -6.12 -4.77 -22.13
C SER A 338 -5.32 -3.53 -22.57
N GLY A 339 -5.33 -2.49 -21.74
CA GLY A 339 -4.74 -1.21 -22.10
C GLY A 339 -5.78 -0.27 -22.71
N GLU A 340 -6.95 -0.80 -23.04
CA GLU A 340 -8.03 0.06 -23.53
C GLU A 340 -8.25 1.29 -22.66
N LEU A 341 -8.35 1.06 -21.36
CA LEU A 341 -8.27 2.13 -20.38
C LEU A 341 -6.85 2.06 -19.87
N THR A 342 -6.07 3.08 -20.22
CA THR A 342 -4.73 3.20 -19.72
C THR A 342 -4.72 4.34 -18.73
N LEU A 343 -4.21 4.04 -17.56
CA LEU A 343 -4.11 5.03 -16.52
C LEU A 343 -2.64 5.15 -16.22
N PRO A 344 -1.91 5.98 -16.99
CA PRO A 344 -0.46 6.08 -16.77
C PRO A 344 -0.10 6.91 -15.53
N1 RBF B . 1.28 3.27 5.64
C2 RBF B . 0.99 2.48 6.70
O2 RBF B . 0.17 1.56 6.61
N3 RBF B . 1.62 2.70 7.89
C4 RBF B . 2.56 3.66 8.04
O4 RBF B . 3.11 3.80 9.14
C4A RBF B . 2.86 4.50 6.98
N5 RBF B . 3.79 5.50 7.08
C5A RBF B . 4.03 6.31 6.06
C6 RBF B . 4.95 7.38 6.20
C7 RBF B . 5.25 8.23 5.14
C7M RBF B . 6.26 9.36 5.33
C8 RBF B . 4.63 8.02 3.92
C8M RBF B . 4.91 8.91 2.74
C9 RBF B . 3.70 6.99 3.76
C9A RBF B . 3.36 6.11 4.81
N10 RBF B . 2.44 5.07 4.68
C10 RBF B . 2.18 4.28 5.77
C1' RBF B . 1.64 4.87 3.46
C2' RBF B . 2.13 3.84 2.48
O2' RBF B . 3.47 4.08 2.21
C3' RBF B . 1.26 3.90 1.21
O3' RBF B . 1.40 5.15 0.60
C4' RBF B . -0.22 3.65 1.49
O4' RBF B . -0.35 2.51 2.27
C5' RBF B . -1.04 3.53 0.19
O5' RBF B . -0.50 2.55 -0.66
HN3 RBF B . 1.46 2.14 8.58
HC6 RBF B . 5.42 7.50 7.05
HC71 RBF B . 5.83 10.20 5.13
HC72 RBF B . 6.58 9.35 6.26
HC73 RBF B . 7.01 9.21 4.73
HC81 RBF B . 4.66 9.83 2.94
HC82 RBF B . 4.38 8.60 1.97
HC83 RBF B . 5.86 8.86 2.51
HC9 RBF B . 3.25 6.92 2.89
HC11 RBF B . 0.75 4.62 3.72
HC12 RBF B . 1.58 5.71 3.00
HC2' RBF B . 2.04 2.97 2.89
HO2' RBF B . 3.97 3.45 2.60
HC3' RBF B . 1.58 3.23 0.60
HO3' RBF B . 2.11 5.14 0.04
HC4' RBF B . -0.54 4.39 2.01
HO4' RBF B . -1.20 2.34 2.39
HC51 RBF B . -1.95 3.30 0.42
HC52 RBF B . -1.04 4.39 -0.27
HO5' RBF B . -1.15 1.99 -0.92
NA NA C . -24.64 7.24 -1.65
NA NA D . -27.70 5.20 -3.37
K K E . 1.40 17.52 -3.01
C1 EDO F . -2.94 -12.23 -1.48
O1 EDO F . -4.01 -11.37 -1.69
C2 EDO F . -1.78 -11.81 -2.33
O2 EDO F . -2.12 -11.93 -3.65
H11 EDO F . -3.20 -13.13 -1.71
H12 EDO F . -2.69 -12.20 -0.55
HO1 EDO F . -3.72 -10.63 -2.08
H21 EDO F . -1.56 -10.88 -2.13
H22 EDO F . -1.03 -12.38 -2.12
HO2 EDO F . -1.39 -11.86 -4.16
C1 EDO G . 0.22 0.46 -21.70
O1 EDO G . 0.13 0.85 -20.37
C2 EDO G . -1.08 0.67 -22.40
O2 EDO G . -1.32 2.03 -22.55
H11 EDO G . 0.45 -0.48 -21.73
H12 EDO G . 0.91 0.98 -22.13
HO1 EDO G . 0.93 0.79 -19.99
H21 EDO G . -1.05 0.26 -23.26
H22 EDO G . -1.79 0.27 -21.87
HO2 EDO G . -0.55 2.46 -22.52
#